data_5TTY
#
_entry.id   5TTY
#
_cell.length_a   116.930
_cell.length_b   116.930
_cell.length_c   43.642
_cell.angle_alpha   90.00
_cell.angle_beta   90.00
_cell.angle_gamma   120.00
#
_symmetry.space_group_name_H-M   'P 65'
#
loop_
_entity.id
_entity.type
_entity.pdbx_description
1 polymer 'PagF prenyltransferase'
2 non-polymer DI(HYDROXYETHYL)ETHER
3 water water
#
_entity_poly.entity_id   1
_entity_poly.type   'polypeptide(L)'
_entity_poly.pdbx_seq_one_letter_code
;MIVNVIQKDRLKEQKLQFIRNHQQAFDVEPIYPLPLFEDFVTSIEGDCSLEASCKIESDKLIASRFLLFFEDKTQEWQKY
LHQSLTFFGLVENRVGVKINYSLLQQFLGSSFDFSKVTVLSAGIDLRNNLAESSLKMHIRIKDYPEKLDKAFALSDGAAD
GNYLKDFVNLIGFDFYFNGKSEIEIYAEVQEDDFFKPEINNLVWQHFPKTALQPLKASSLFFTGLSKANNNPVLYYHLKN
RQDLTNYFKLNDTAQRVHSFYQHQDILPYMWVGTAQKELEKTRIENIRLYYYKSFKMESN
;
_entity_poly.pdbx_strand_id   A
#
loop_
_chem_comp.id
_chem_comp.type
_chem_comp.name
_chem_comp.formula
PEG non-polymer DI(HYDROXYETHYL)ETHER 'C4 H10 O3'
#
# COMPACT_ATOMS: atom_id res chain seq x y z
N MET A 1 -33.90 -4.18 -4.80
CA MET A 1 -34.11 -5.65 -4.95
C MET A 1 -33.61 -6.39 -3.71
N ILE A 2 -34.35 -7.40 -3.29
CA ILE A 2 -34.00 -8.17 -2.10
C ILE A 2 -32.61 -8.82 -2.17
N VAL A 3 -32.25 -9.36 -3.33
CA VAL A 3 -30.92 -9.95 -3.51
C VAL A 3 -29.84 -8.91 -3.23
N ASN A 4 -30.06 -7.70 -3.72
CA ASN A 4 -29.12 -6.61 -3.57
C ASN A 4 -28.88 -6.21 -2.10
N VAL A 5 -29.96 -5.99 -1.35
CA VAL A 5 -29.86 -5.63 0.08
C VAL A 5 -29.18 -6.73 0.91
N ILE A 6 -29.52 -7.99 0.63
CA ILE A 6 -28.91 -9.12 1.32
C ILE A 6 -27.41 -9.16 1.06
N GLN A 7 -27.03 -8.99 -0.21
CA GLN A 7 -25.62 -8.98 -0.61
C GLN A 7 -24.86 -7.82 0.04
N LYS A 8 -25.47 -6.62 0.03
CA LYS A 8 -24.86 -5.45 0.65
C LYS A 8 -24.57 -5.67 2.14
N ASP A 9 -25.54 -6.21 2.87
CA ASP A 9 -25.36 -6.51 4.29
C ASP A 9 -24.26 -7.55 4.50
N ARG A 10 -24.20 -8.53 3.61
CA ARG A 10 -23.17 -9.57 3.66
C ARG A 10 -21.76 -9.02 3.44
N LEU A 11 -21.61 -8.19 2.40
CA LEU A 11 -20.30 -7.63 2.08
C LEU A 11 -19.79 -6.75 3.22
N LYS A 12 -20.71 -6.02 3.85
CA LYS A 12 -20.39 -5.18 5.00
C LYS A 12 -19.78 -6.00 6.13
N GLU A 13 -20.43 -7.12 6.46
CA GLU A 13 -19.95 -7.96 7.55
C GLU A 13 -18.63 -8.65 7.18
N GLN A 14 -18.49 -9.05 5.92
CA GLN A 14 -17.26 -9.70 5.47
C GLN A 14 -16.05 -8.76 5.57
N LYS A 15 -16.26 -7.48 5.25
CA LYS A 15 -15.20 -6.48 5.38
C LYS A 15 -14.79 -6.31 6.83
N LEU A 16 -15.78 -6.17 7.71
CA LEU A 16 -15.52 -6.06 9.14
C LEU A 16 -14.81 -7.30 9.65
N GLN A 17 -15.22 -8.48 9.17
CA GLN A 17 -14.60 -9.73 9.59
C GLN A 17 -13.14 -9.80 9.19
N PHE A 18 -12.83 -9.40 7.95
CA PHE A 18 -11.45 -9.39 7.46
C PHE A 18 -10.55 -8.50 8.34
N ILE A 19 -11.06 -7.33 8.72
CA ILE A 19 -10.31 -6.39 9.56
C ILE A 19 -10.13 -6.98 10.95
N ARG A 20 -11.24 -7.49 11.52
CA ARG A 20 -11.22 -8.10 12.86
C ARG A 20 -10.32 -9.32 12.95
N ASN A 21 -10.30 -10.17 11.92
CA ASN A 21 -9.40 -11.34 11.91
C ASN A 21 -7.94 -10.92 12.08
N HIS A 22 -7.56 -9.88 11.34
CA HIS A 22 -6.20 -9.38 11.37
C HIS A 22 -5.90 -8.76 12.73
N GLN A 23 -6.76 -7.86 13.18
CA GLN A 23 -6.56 -7.15 14.45
C GLN A 23 -6.48 -8.12 15.63
N GLN A 24 -7.42 -9.07 15.66
CA GLN A 24 -7.49 -10.04 16.76
C GLN A 24 -6.35 -11.05 16.78
N ALA A 25 -5.71 -11.27 15.63
CA ALA A 25 -4.54 -12.14 15.56
C ALA A 25 -3.29 -11.48 16.15
N PHE A 26 -3.19 -10.16 16.03
CA PHE A 26 -1.92 -9.45 16.27
C PHE A 26 -1.94 -8.36 17.34
N ASP A 27 -3.13 -7.87 17.67
CA ASP A 27 -3.28 -6.84 18.68
C ASP A 27 -4.41 -7.26 19.61
N VAL A 28 -4.08 -7.60 20.86
CA VAL A 28 -5.11 -8.05 21.79
C VAL A 28 -6.18 -6.96 22.03
N GLU A 29 -5.76 -5.70 22.06
CA GLU A 29 -6.69 -4.57 22.05
C GLU A 29 -6.57 -3.82 20.72
N PRO A 30 -7.71 -3.47 20.10
CA PRO A 30 -7.63 -2.67 18.86
C PRO A 30 -7.02 -1.30 19.11
N ILE A 31 -6.21 -0.81 18.17
CA ILE A 31 -5.55 0.50 18.30
C ILE A 31 -6.54 1.59 17.90
N TYR A 32 -6.66 2.63 18.74
CA TYR A 32 -7.52 3.78 18.45
C TYR A 32 -6.91 4.61 17.32
N PRO A 33 -7.74 5.10 16.38
CA PRO A 33 -9.20 4.97 16.22
C PRO A 33 -9.64 4.01 15.09
N LEU A 34 -9.34 2.72 15.23
CA LEU A 34 -9.75 1.72 14.22
C LEU A 34 -11.24 1.76 13.82
N PRO A 35 -12.18 1.96 14.78
CA PRO A 35 -13.59 2.03 14.41
C PRO A 35 -13.94 3.05 13.31
N LEU A 36 -13.20 4.14 13.20
CA LEU A 36 -13.44 5.14 12.14
C LEU A 36 -13.12 4.56 10.77
N PHE A 37 -12.05 3.77 10.69
CA PHE A 37 -11.74 3.09 9.45
C PHE A 37 -12.80 2.03 9.12
N GLU A 38 -13.29 1.33 10.14
CA GLU A 38 -14.36 0.35 9.94
C GLU A 38 -15.62 1.01 9.40
N ASP A 39 -15.96 2.19 9.95
CA ASP A 39 -17.09 2.99 9.45
C ASP A 39 -16.87 3.41 7.99
N PHE A 40 -15.65 3.80 7.67
CA PHE A 40 -15.30 4.19 6.31
C PHE A 40 -15.53 3.03 5.32
N VAL A 41 -14.95 1.87 5.59
CA VAL A 41 -15.07 0.76 4.64
C VAL A 41 -16.50 0.27 4.45
N THR A 42 -17.29 0.31 5.52
CA THR A 42 -18.67 -0.15 5.43
C THR A 42 -19.55 0.88 4.72
N SER A 43 -19.10 2.13 4.69
CA SER A 43 -19.80 3.18 3.93
C SER A 43 -19.56 3.06 2.41
N ILE A 44 -18.51 2.34 2.03
CA ILE A 44 -18.22 2.13 0.60
C ILE A 44 -18.98 0.91 0.11
N GLU A 45 -20.05 1.15 -0.63
CA GLU A 45 -20.97 0.10 -1.05
C GLU A 45 -20.66 -0.52 -2.41
N GLY A 46 -19.92 0.21 -3.24
CA GLY A 46 -19.42 -0.33 -4.51
C GLY A 46 -18.33 -1.35 -4.26
N ASP A 47 -18.01 -2.14 -5.28
CA ASP A 47 -16.98 -3.18 -5.18
C ASP A 47 -15.65 -2.60 -4.71
N CYS A 48 -14.97 -3.32 -3.82
CA CYS A 48 -13.68 -2.86 -3.32
C CYS A 48 -12.82 -4.03 -2.90
N SER A 49 -11.56 -3.74 -2.62
CA SER A 49 -10.66 -4.68 -1.97
C SER A 49 -10.11 -4.05 -0.72
N LEU A 50 -9.74 -4.90 0.24
CA LEU A 50 -9.06 -4.45 1.44
C LEU A 50 -7.68 -5.09 1.53
N GLU A 51 -6.75 -4.32 2.08
CA GLU A 51 -5.40 -4.76 2.34
C GLU A 51 -5.20 -4.73 3.85
N ALA A 52 -4.68 -5.82 4.39
CA ALA A 52 -4.26 -5.84 5.79
C ALA A 52 -2.78 -6.15 5.79
N SER A 53 -2.02 -5.38 6.54
CA SER A 53 -0.58 -5.56 6.51
C SER A 53 0.10 -5.54 7.87
N CYS A 54 1.31 -6.09 7.89
CA CYS A 54 2.15 -6.10 9.08
C CYS A 54 3.53 -5.55 8.73
N LYS A 55 4.03 -4.68 9.60
CA LYS A 55 5.38 -4.17 9.47
C LYS A 55 6.17 -4.76 10.64
N ILE A 56 7.24 -5.47 10.29
CA ILE A 56 8.04 -6.17 11.27
C ILE A 56 9.42 -5.53 11.37
N GLU A 57 9.81 -5.18 12.59
CA GLU A 57 11.15 -4.67 12.88
C GLU A 57 11.75 -5.53 13.99
N SER A 58 12.59 -6.48 13.61
CA SER A 58 13.06 -7.54 14.50
C SER A 58 11.88 -8.27 15.17
N ASP A 59 11.73 -8.12 16.47
CA ASP A 59 10.61 -8.76 17.17
C ASP A 59 9.41 -7.82 17.35
N LYS A 60 9.52 -6.59 16.86
CA LYS A 60 8.42 -5.63 16.94
C LYS A 60 7.44 -5.86 15.80
N LEU A 61 6.15 -5.96 16.15
CA LEU A 61 5.10 -6.20 15.17
C LEU A 61 4.09 -5.07 15.17
N ILE A 62 3.95 -4.42 14.02
CA ILE A 62 3.04 -3.29 13.84
C ILE A 62 1.95 -3.75 12.89
N ALA A 63 0.72 -3.84 13.39
CA ALA A 63 -0.31 -4.56 12.64
C ALA A 63 -1.63 -3.83 12.42
N SER A 64 -1.74 -2.58 12.86
CA SER A 64 -2.98 -1.83 12.65
C SER A 64 -2.91 -1.05 11.35
N ARG A 65 -2.60 -1.77 10.27
CA ARG A 65 -2.37 -1.21 8.94
C ARG A 65 -3.40 -1.79 7.97
N PHE A 66 -4.27 -0.93 7.45
CA PHE A 66 -5.34 -1.34 6.55
C PHE A 66 -5.55 -0.31 5.44
N LEU A 67 -5.84 -0.79 4.24
CA LEU A 67 -6.15 0.07 3.10
C LEU A 67 -7.41 -0.43 2.41
N LEU A 68 -8.22 0.50 1.92
CA LEU A 68 -9.32 0.17 0.99
C LEU A 68 -8.94 0.60 -0.41
N PHE A 69 -9.15 -0.30 -1.38
CA PHE A 69 -8.92 -0.02 -2.78
C PHE A 69 -10.25 0.11 -3.50
N PHE A 70 -10.48 1.26 -4.14
CA PHE A 70 -11.73 1.52 -4.84
C PHE A 70 -11.74 0.76 -6.16
N GLU A 71 -12.72 -0.12 -6.34
CA GLU A 71 -12.69 -1.00 -7.52
C GLU A 71 -14.01 -1.08 -8.28
N ASP A 72 -14.96 -0.21 -7.91
CA ASP A 72 -16.19 -0.03 -8.67
C ASP A 72 -15.84 0.31 -10.13
N LYS A 73 -16.39 -0.46 -11.07
CA LYS A 73 -16.02 -0.34 -12.48
C LYS A 73 -16.43 0.98 -13.14
N THR A 74 -17.23 1.78 -12.41
CA THR A 74 -17.77 3.05 -12.91
C THR A 74 -16.72 4.13 -13.14
N GLN A 75 -15.51 3.93 -12.63
CA GLN A 75 -14.37 4.86 -12.80
C GLN A 75 -14.61 6.25 -12.19
N GLU A 76 -15.40 6.33 -11.12
CA GLU A 76 -15.74 7.61 -10.48
C GLU A 76 -14.67 8.03 -9.45
N TRP A 77 -13.46 8.22 -9.95
CA TRP A 77 -12.27 8.49 -9.12
C TRP A 77 -12.40 9.74 -8.26
N GLN A 78 -12.94 10.83 -8.84
CA GLN A 78 -13.13 12.06 -8.07
C GLN A 78 -14.06 11.83 -6.88
N LYS A 79 -15.14 11.09 -7.11
CA LYS A 79 -16.09 10.77 -6.03
C LYS A 79 -15.38 10.02 -4.90
N TYR A 80 -14.56 9.04 -5.27
CA TYR A 80 -13.86 8.22 -4.28
C TYR A 80 -12.80 9.01 -3.53
N LEU A 81 -12.13 9.92 -4.25
CA LEU A 81 -11.19 10.83 -3.63
C LEU A 81 -11.89 11.64 -2.55
N HIS A 82 -13.04 12.20 -2.90
CA HIS A 82 -13.86 12.99 -1.98
C HIS A 82 -14.34 12.18 -0.77
N GLN A 83 -14.78 10.94 -1.02
CA GLN A 83 -15.18 10.04 0.06
C GLN A 83 -14.01 9.76 1.02
N SER A 84 -12.82 9.60 0.45
CA SER A 84 -11.63 9.30 1.24
C SER A 84 -11.24 10.50 2.10
N LEU A 85 -11.31 11.69 1.50
CA LEU A 85 -10.96 12.91 2.21
C LEU A 85 -11.97 13.25 3.30
N THR A 86 -13.24 12.93 3.07
CA THR A 86 -14.29 13.08 4.09
C THR A 86 -13.94 12.21 5.30
N PHE A 87 -13.52 10.97 5.04
CA PHE A 87 -13.05 10.08 6.10
C PHE A 87 -11.85 10.68 6.84
N PHE A 88 -10.85 11.16 6.09
CA PHE A 88 -9.69 11.80 6.72
C PHE A 88 -10.15 12.92 7.65
N GLY A 89 -11.14 13.69 7.21
CA GLY A 89 -11.72 14.79 7.99
C GLY A 89 -12.37 14.37 9.30
N LEU A 90 -13.07 13.24 9.27
CA LEU A 90 -13.67 12.67 10.49
C LEU A 90 -12.60 12.22 11.47
N VAL A 91 -11.52 11.65 10.94
CA VAL A 91 -10.38 11.29 11.77
C VAL A 91 -9.83 12.53 12.46
N GLU A 92 -9.62 13.60 11.70
CA GLU A 92 -9.17 14.89 12.23
C GLU A 92 -10.07 15.36 13.36
N ASN A 93 -11.39 15.28 13.14
CA ASN A 93 -12.37 15.77 14.10
C ASN A 93 -12.42 14.96 15.38
N ARG A 94 -12.42 13.63 15.26
CA ARG A 94 -12.52 12.76 16.43
C ARG A 94 -11.24 12.73 17.26
N VAL A 95 -10.09 12.63 16.60
CA VAL A 95 -8.81 12.55 17.30
C VAL A 95 -8.37 13.93 17.80
N GLY A 96 -8.83 14.98 17.14
CA GLY A 96 -8.47 16.35 17.50
C GLY A 96 -7.12 16.75 16.91
N VAL A 97 -6.90 16.35 15.67
CA VAL A 97 -5.65 16.67 14.97
C VAL A 97 -5.92 17.39 13.66
N LYS A 98 -4.92 18.09 13.17
CA LYS A 98 -4.97 18.77 11.88
C LYS A 98 -3.98 18.12 10.93
N ILE A 99 -4.50 17.57 9.83
CA ILE A 99 -3.68 16.92 8.81
C ILE A 99 -3.09 17.95 7.85
N ASN A 100 -1.85 17.72 7.44
CA ASN A 100 -1.18 18.57 6.47
C ASN A 100 -1.42 18.00 5.06
N TYR A 101 -2.29 18.66 4.30
CA TYR A 101 -2.69 18.16 2.98
C TYR A 101 -1.90 18.75 1.81
N SER A 102 -0.89 19.58 2.09
CA SER A 102 -0.25 20.40 1.06
C SER A 102 0.33 19.62 -0.12
N LEU A 103 0.97 18.49 0.14
CA LEU A 103 1.57 17.70 -0.93
C LEU A 103 0.50 17.12 -1.86
N LEU A 104 -0.61 16.67 -1.27
CA LEU A 104 -1.72 16.15 -2.05
C LEU A 104 -2.38 17.26 -2.86
N GLN A 105 -2.61 18.41 -2.22
CA GLN A 105 -3.19 19.58 -2.87
C GLN A 105 -2.37 20.06 -4.07
N GLN A 106 -1.04 20.08 -3.90
CA GLN A 106 -0.12 20.49 -4.97
C GLN A 106 -0.12 19.47 -6.08
N PHE A 107 -0.17 18.19 -5.72
CA PHE A 107 -0.20 17.13 -6.72
C PHE A 107 -1.44 17.22 -7.58
N LEU A 108 -2.61 17.30 -6.92
CA LEU A 108 -3.88 17.45 -7.62
C LEU A 108 -3.93 18.76 -8.40
N GLY A 109 -3.24 19.78 -7.88
CA GLY A 109 -3.21 21.09 -8.51
C GLY A 109 -4.64 21.60 -8.67
N SER A 110 -4.95 22.12 -9.85
CA SER A 110 -6.26 22.69 -10.10
C SER A 110 -6.94 22.16 -11.37
N SER A 111 -6.27 21.25 -12.07
CA SER A 111 -6.79 20.73 -13.35
C SER A 111 -6.61 19.22 -13.50
N PHE A 112 -6.63 18.50 -12.38
CA PHE A 112 -6.37 17.06 -12.37
C PHE A 112 -7.31 16.29 -13.30
N ASP A 113 -6.74 15.47 -14.17
CA ASP A 113 -7.52 14.66 -15.09
C ASP A 113 -7.76 13.30 -14.44
N PHE A 114 -8.95 13.12 -13.86
CA PHE A 114 -9.27 11.87 -13.15
C PHE A 114 -9.39 10.63 -14.04
N SER A 115 -9.61 10.84 -15.34
CA SER A 115 -9.70 9.71 -16.26
C SER A 115 -8.35 9.01 -16.45
N LYS A 116 -7.28 9.63 -15.95
CA LYS A 116 -5.94 9.05 -16.02
C LYS A 116 -5.58 8.19 -14.80
N VAL A 117 -6.48 8.15 -13.82
CA VAL A 117 -6.28 7.35 -12.61
C VAL A 117 -6.61 5.87 -12.87
N THR A 118 -5.77 4.97 -12.39
CA THR A 118 -6.08 3.54 -12.53
C THR A 118 -6.24 2.84 -11.19
N VAL A 119 -5.68 3.43 -10.13
CA VAL A 119 -5.80 2.88 -8.78
C VAL A 119 -6.00 4.05 -7.82
N LEU A 120 -6.92 3.89 -6.87
CA LEU A 120 -7.01 4.80 -5.74
C LEU A 120 -7.26 4.00 -4.47
N SER A 121 -6.47 4.29 -3.44
CA SER A 121 -6.64 3.65 -2.14
C SER A 121 -6.56 4.66 -1.00
N ALA A 122 -7.18 4.30 0.13
CA ALA A 122 -7.13 5.13 1.31
C ALA A 122 -7.15 4.24 2.55
N GLY A 123 -6.37 4.62 3.55
CA GLY A 123 -6.33 3.84 4.77
C GLY A 123 -5.51 4.43 5.90
N ILE A 124 -5.04 3.52 6.74
CA ILE A 124 -4.48 3.90 8.03
C ILE A 124 -3.25 3.06 8.39
N ASP A 125 -2.42 3.62 9.27
CA ASP A 125 -1.41 2.86 10.00
C ASP A 125 -1.43 3.46 11.39
N LEU A 126 -2.09 2.78 12.32
CA LEU A 126 -2.36 3.35 13.64
C LEU A 126 -1.37 2.89 14.69
N ARG A 127 -0.92 3.83 15.51
CA ARG A 127 0.06 3.55 16.57
C ARG A 127 -0.47 4.10 17.88
N ASN A 128 -0.06 3.49 18.99
CA ASN A 128 -0.42 3.99 20.32
C ASN A 128 0.20 5.35 20.62
N ASN A 129 1.32 5.63 19.96
CA ASN A 129 1.91 6.94 19.93
C ASN A 129 1.17 7.73 18.84
N LEU A 130 0.21 8.54 19.24
CA LEU A 130 -0.68 9.24 18.28
C LEU A 130 0.09 9.94 17.17
N ALA A 131 1.13 10.67 17.55
CA ALA A 131 1.97 11.42 16.61
C ALA A 131 2.54 10.57 15.47
N GLU A 132 2.75 9.29 15.75
CA GLU A 132 3.35 8.37 14.77
C GLU A 132 2.30 7.66 13.91
N SER A 133 1.02 7.82 14.24
CA SER A 133 -0.07 7.29 13.40
C SER A 133 -0.18 8.09 12.11
N SER A 134 -0.72 7.46 11.08
CA SER A 134 -0.87 8.13 9.79
C SER A 134 -2.08 7.64 9.02
N LEU A 135 -2.52 8.51 8.12
CA LEU A 135 -3.49 8.20 7.09
C LEU A 135 -2.68 8.03 5.81
N LYS A 136 -3.19 7.22 4.89
CA LYS A 136 -2.44 6.89 3.68
C LYS A 136 -3.33 6.96 2.46
N MET A 137 -2.74 7.35 1.33
CA MET A 137 -3.46 7.38 0.06
C MET A 137 -2.50 7.07 -1.07
N HIS A 138 -2.92 6.20 -1.99
CA HIS A 138 -2.14 5.95 -3.20
C HIS A 138 -2.98 6.29 -4.41
N ILE A 139 -2.34 6.88 -5.39
CA ILE A 139 -2.97 7.20 -6.67
C ILE A 139 -2.02 6.69 -7.75
N ARG A 140 -2.52 5.79 -8.60
CA ARG A 140 -1.75 5.37 -9.78
C ARG A 140 -2.28 6.09 -11.00
N ILE A 141 -1.38 6.70 -11.77
CA ILE A 141 -1.75 7.41 -12.98
C ILE A 141 -1.08 6.79 -14.20
N LYS A 142 -1.76 6.88 -15.34
CA LYS A 142 -1.29 6.31 -16.60
C LYS A 142 -1.30 7.40 -17.66
N ASP A 143 -0.25 7.45 -18.46
CA ASP A 143 -0.14 8.39 -19.60
C ASP A 143 -0.38 9.84 -19.19
N TYR A 144 0.23 10.25 -18.08
CA TYR A 144 0.01 11.56 -17.50
C TYR A 144 1.35 12.21 -17.16
N PRO A 145 2.16 12.53 -18.19
CA PRO A 145 3.52 13.00 -17.93
C PRO A 145 3.62 14.29 -17.09
N GLU A 146 2.63 15.17 -17.19
CA GLU A 146 2.63 16.42 -16.41
C GLU A 146 2.55 16.15 -14.90
N LYS A 147 1.71 15.20 -14.51
CA LYS A 147 1.55 14.89 -13.09
C LYS A 147 2.67 14.03 -12.54
N LEU A 148 3.27 13.21 -13.40
CA LEU A 148 4.48 12.46 -13.03
C LEU A 148 5.61 13.43 -12.71
N ASP A 149 5.78 14.45 -13.55
CA ASP A 149 6.79 15.48 -13.32
C ASP A 149 6.51 16.26 -12.03
N LYS A 150 5.23 16.56 -11.79
CA LYS A 150 4.82 17.29 -10.60
C LYS A 150 5.11 16.49 -9.33
N ALA A 151 4.75 15.21 -9.35
CA ALA A 151 5.04 14.33 -8.21
C ALA A 151 6.55 14.26 -7.96
N PHE A 152 7.33 14.16 -9.05
CA PHE A 152 8.78 14.19 -8.94
C PHE A 152 9.35 15.45 -8.31
N ALA A 153 8.82 16.60 -8.71
CA ALA A 153 9.22 17.89 -8.15
C ALA A 153 8.86 18.01 -6.66
N LEU A 154 7.73 17.41 -6.29
CA LEU A 154 7.23 17.44 -4.91
C LEU A 154 8.04 16.57 -3.95
N SER A 155 8.60 15.48 -4.45
CA SER A 155 9.41 14.57 -3.63
C SER A 155 10.85 15.08 -3.48
N ASP A 156 11.69 14.30 -2.81
CA ASP A 156 13.07 14.69 -2.44
C ASP A 156 13.83 15.57 -3.45
N GLY A 157 13.65 15.29 -4.74
CA GLY A 157 14.33 16.06 -5.79
C GLY A 157 14.65 15.27 -7.04
N ALA A 158 15.68 15.72 -7.76
CA ALA A 158 16.07 15.15 -9.04
C ALA A 158 16.93 13.88 -8.88
N ALA A 159 18.18 13.96 -9.31
CA ALA A 159 19.11 12.83 -9.24
C ALA A 159 19.75 12.71 -7.84
N ASP A 160 19.89 11.48 -7.33
CA ASP A 160 19.48 10.26 -8.02
C ASP A 160 18.03 9.87 -7.73
N GLY A 161 17.56 8.82 -8.41
CA GLY A 161 16.14 8.47 -8.44
C GLY A 161 15.59 8.73 -9.82
N ASN A 162 16.18 9.73 -10.50
CA ASN A 162 15.82 10.09 -11.87
C ASN A 162 16.07 8.96 -12.88
N TYR A 163 17.02 8.08 -12.57
CA TYR A 163 17.34 6.95 -13.45
C TYR A 163 16.14 6.01 -13.67
N LEU A 164 15.13 6.12 -12.81
CA LEU A 164 13.91 5.29 -12.95
C LEU A 164 12.64 6.11 -13.14
N LYS A 165 12.81 7.39 -13.45
CA LYS A 165 11.66 8.29 -13.64
C LYS A 165 10.63 7.74 -14.65
N ASP A 166 11.11 7.15 -15.75
CA ASP A 166 10.23 6.64 -16.80
C ASP A 166 9.43 5.40 -16.42
N PHE A 167 9.66 4.87 -15.22
CA PHE A 167 8.98 3.68 -14.76
C PHE A 167 7.90 3.97 -13.71
N VAL A 168 7.71 5.25 -13.43
CA VAL A 168 6.82 5.69 -12.35
C VAL A 168 5.37 5.80 -12.79
N ASN A 169 4.47 5.18 -12.01
CA ASN A 169 3.03 5.34 -12.18
C ASN A 169 2.33 5.57 -10.85
N LEU A 170 2.84 4.90 -9.81
CA LEU A 170 2.22 4.95 -8.49
C LEU A 170 2.80 6.08 -7.65
N ILE A 171 1.90 6.87 -7.07
CA ILE A 171 2.25 7.97 -6.17
C ILE A 171 1.61 7.69 -4.81
N GLY A 172 2.41 7.73 -3.75
CA GLY A 172 1.91 7.47 -2.40
C GLY A 172 2.00 8.69 -1.52
N PHE A 173 1.00 8.86 -0.65
CA PHE A 173 0.95 9.97 0.30
C PHE A 173 0.80 9.43 1.71
N ASP A 174 1.59 9.97 2.64
CA ASP A 174 1.44 9.66 4.05
C ASP A 174 1.08 10.94 4.79
N PHE A 175 0.11 10.84 5.69
CA PHE A 175 -0.36 12.00 6.45
C PHE A 175 -0.30 11.65 7.92
N TYR A 176 0.75 12.11 8.60
CA TYR A 176 0.95 11.79 10.02
C TYR A 176 0.08 12.66 10.92
N PHE A 177 -0.31 12.12 12.07
CA PHE A 177 -1.24 12.81 12.99
C PHE A 177 -0.57 14.00 13.65
N ASN A 178 0.76 14.08 13.55
CA ASN A 178 1.49 15.23 14.07
C ASN A 178 1.60 16.40 13.07
N GLY A 179 0.91 16.27 11.94
CA GLY A 179 0.92 17.34 10.94
C GLY A 179 2.09 17.29 9.96
N LYS A 180 2.91 16.24 10.06
CA LYS A 180 3.96 15.99 9.08
C LYS A 180 3.37 15.15 7.96
N SER A 181 3.75 15.44 6.72
CA SER A 181 3.28 14.64 5.58
C SER A 181 4.38 14.34 4.59
N GLU A 182 4.22 13.23 3.87
CA GLU A 182 5.22 12.77 2.90
C GLU A 182 4.59 12.36 1.58
N ILE A 183 5.37 12.44 0.51
CA ILE A 183 5.01 11.90 -0.80
C ILE A 183 6.15 11.00 -1.27
N GLU A 184 5.80 9.95 -2.01
CA GLU A 184 6.79 9.05 -2.59
C GLU A 184 6.31 8.65 -3.98
N ILE A 185 7.27 8.43 -4.88
CA ILE A 185 6.96 7.94 -6.21
C ILE A 185 7.60 6.56 -6.39
N TYR A 186 6.88 5.66 -7.04
CA TYR A 186 7.29 4.26 -7.15
C TYR A 186 7.50 3.88 -8.61
N ALA A 187 8.69 3.39 -8.92
CA ALA A 187 9.03 2.88 -10.24
C ALA A 187 8.64 1.42 -10.29
N GLU A 188 7.94 1.01 -11.33
CA GLU A 188 7.48 -0.38 -11.43
C GLU A 188 8.01 -1.07 -12.69
N VAL A 189 8.15 -2.38 -12.61
CA VAL A 189 8.41 -3.23 -13.78
C VAL A 189 7.40 -4.38 -13.76
N GLN A 190 6.70 -4.58 -14.87
CA GLN A 190 5.74 -5.68 -14.99
C GLN A 190 6.42 -6.94 -15.49
N GLU A 191 5.87 -8.08 -15.09
CA GLU A 191 6.39 -9.41 -15.38
C GLU A 191 6.77 -9.63 -16.85
N ASP A 192 5.90 -9.20 -17.76
CA ASP A 192 6.12 -9.38 -19.20
C ASP A 192 7.40 -8.70 -19.70
N ASP A 193 7.93 -7.78 -18.91
CA ASP A 193 9.14 -7.05 -19.28
C ASP A 193 10.41 -7.49 -18.52
N PHE A 194 10.25 -8.40 -17.56
CA PHE A 194 11.37 -8.85 -16.71
C PHE A 194 12.62 -9.26 -17.49
N PHE A 195 12.43 -10.00 -18.58
CA PHE A 195 13.56 -10.58 -19.32
C PHE A 195 14.05 -9.77 -20.53
N LYS A 196 13.45 -8.60 -20.75
CA LYS A 196 13.90 -7.69 -21.82
C LYS A 196 15.32 -7.16 -21.55
N PRO A 197 16.20 -7.19 -22.57
CA PRO A 197 17.59 -6.77 -22.33
C PRO A 197 17.76 -5.32 -21.89
N GLU A 198 16.92 -4.42 -22.41
CA GLU A 198 17.02 -3.01 -21.99
C GLU A 198 16.57 -2.81 -20.53
N ILE A 199 15.72 -3.70 -20.04
CA ILE A 199 15.30 -3.66 -18.62
C ILE A 199 16.46 -4.05 -17.71
N ASN A 200 17.27 -5.02 -18.14
CA ASN A 200 18.49 -5.36 -17.42
C ASN A 200 19.43 -4.16 -17.34
N ASN A 201 19.55 -3.42 -18.44
CA ASN A 201 20.39 -2.24 -18.53
C ASN A 201 19.85 -1.08 -17.70
N LEU A 202 18.55 -0.81 -17.83
CA LEU A 202 17.94 0.34 -17.17
C LEU A 202 17.64 0.11 -15.69
N VAL A 203 17.36 -1.13 -15.32
CA VAL A 203 16.87 -1.43 -13.97
C VAL A 203 17.74 -2.45 -13.23
N TRP A 204 17.67 -3.71 -13.64
CA TRP A 204 18.21 -4.84 -12.85
C TRP A 204 19.69 -4.72 -12.51
N GLN A 205 20.44 -4.11 -13.43
CA GLN A 205 21.88 -3.87 -13.29
C GLN A 205 22.26 -3.12 -12.01
N HIS A 206 21.34 -2.25 -11.55
CA HIS A 206 21.60 -1.36 -10.43
C HIS A 206 21.17 -1.92 -9.07
N PHE A 207 20.86 -3.22 -9.07
CA PHE A 207 20.44 -3.91 -7.85
C PHE A 207 21.28 -5.19 -7.66
N PRO A 208 21.49 -5.61 -6.40
CA PRO A 208 22.21 -6.87 -6.16
C PRO A 208 21.45 -8.07 -6.72
N LYS A 209 22.19 -9.15 -6.98
CA LYS A 209 21.62 -10.40 -7.47
C LYS A 209 20.49 -10.91 -6.58
N THR A 210 20.62 -10.70 -5.27
CA THR A 210 19.61 -11.15 -4.31
C THR A 210 18.26 -10.48 -4.52
N ALA A 211 18.29 -9.24 -5.01
CA ALA A 211 17.07 -8.49 -5.32
C ALA A 211 16.28 -9.12 -6.47
N LEU A 212 16.98 -9.84 -7.33
CA LEU A 212 16.38 -10.37 -8.55
C LEU A 212 15.68 -11.71 -8.36
N GLN A 213 16.08 -12.45 -7.33
CA GLN A 213 15.57 -13.82 -7.14
C GLN A 213 14.05 -13.93 -6.95
N PRO A 214 13.45 -13.04 -6.11
CA PRO A 214 11.99 -13.17 -5.93
C PRO A 214 11.16 -12.84 -7.18
N LEU A 215 11.78 -12.26 -8.20
CA LEU A 215 11.08 -11.96 -9.45
C LEU A 215 10.54 -13.23 -10.12
N LYS A 216 11.19 -14.37 -9.86
CA LYS A 216 10.75 -15.66 -10.37
C LYS A 216 9.31 -16.00 -9.98
N ALA A 217 8.85 -15.41 -8.87
CA ALA A 217 7.53 -15.72 -8.34
C ALA A 217 6.62 -14.49 -8.29
N SER A 218 7.05 -13.41 -8.94
CA SER A 218 6.33 -12.14 -8.88
C SER A 218 5.73 -11.76 -10.23
N SER A 219 4.64 -10.99 -10.18
CA SER A 219 4.02 -10.46 -11.38
C SER A 219 4.31 -8.96 -11.56
N LEU A 220 4.85 -8.34 -10.53
CA LEU A 220 5.15 -6.91 -10.53
C LEU A 220 6.22 -6.61 -9.49
N PHE A 221 7.11 -5.69 -9.83
CA PHE A 221 8.15 -5.22 -8.93
C PHE A 221 8.04 -3.70 -8.89
N PHE A 222 8.13 -3.12 -7.69
CA PHE A 222 8.31 -1.67 -7.61
C PHE A 222 9.21 -1.22 -6.45
N THR A 223 9.73 0.00 -6.57
CA THR A 223 10.65 0.52 -5.58
C THR A 223 10.43 2.03 -5.40
N GLY A 224 10.55 2.50 -4.15
CA GLY A 224 10.40 3.91 -3.83
C GLY A 224 11.65 4.70 -4.17
N LEU A 225 11.47 5.82 -4.89
CA LEU A 225 12.62 6.55 -5.44
C LEU A 225 13.19 7.66 -4.57
N SER A 226 12.33 8.36 -3.84
CA SER A 226 12.75 9.57 -3.13
C SER A 226 13.31 9.27 -1.74
N LYS A 227 12.64 8.38 -1.01
CA LYS A 227 13.12 7.96 0.30
C LYS A 227 14.28 6.98 0.20
N ALA A 228 14.97 6.79 1.32
CA ALA A 228 16.15 5.92 1.42
C ALA A 228 17.10 6.12 0.23
N ASN A 229 17.83 7.23 0.24
CA ASN A 229 18.79 7.58 -0.81
C ASN A 229 19.52 6.34 -1.33
N ASN A 230 20.16 5.62 -0.40
CA ASN A 230 20.57 4.25 -0.64
C ASN A 230 19.75 3.32 0.25
N ASN A 231 19.90 2.02 0.04
CA ASN A 231 19.05 1.01 0.68
C ASN A 231 17.54 1.18 0.41
N PRO A 232 17.15 1.24 -0.88
CA PRO A 232 15.75 1.41 -1.23
C PRO A 232 14.88 0.23 -0.80
N VAL A 233 13.63 0.51 -0.47
CA VAL A 233 12.67 -0.55 -0.19
C VAL A 233 12.19 -1.15 -1.52
N LEU A 234 12.28 -2.47 -1.61
CA LEU A 234 11.85 -3.21 -2.79
C LEU A 234 10.53 -3.93 -2.53
N TYR A 235 9.59 -3.80 -3.46
CA TYR A 235 8.27 -4.41 -3.30
C TYR A 235 8.03 -5.43 -4.39
N TYR A 236 7.51 -6.60 -3.98
CA TYR A 236 7.30 -7.74 -4.87
C TYR A 236 5.85 -8.21 -4.77
N HIS A 237 5.20 -8.35 -5.92
CA HIS A 237 3.84 -8.85 -5.95
C HIS A 237 3.89 -10.35 -6.18
N LEU A 238 3.91 -11.11 -5.09
CA LEU A 238 3.98 -12.56 -5.19
C LEU A 238 2.66 -13.11 -5.69
N LYS A 239 2.73 -13.92 -6.75
CA LYS A 239 1.54 -14.52 -7.34
C LYS A 239 0.81 -15.41 -6.33
N ASN A 240 1.59 -16.12 -5.51
CA ASN A 240 1.05 -16.99 -4.47
C ASN A 240 1.69 -16.68 -3.13
N ARG A 241 0.85 -16.38 -2.14
CA ARG A 241 1.33 -16.01 -0.81
C ARG A 241 2.11 -17.16 -0.14
N GLN A 242 1.88 -18.39 -0.60
CA GLN A 242 2.58 -19.57 -0.07
C GLN A 242 4.07 -19.55 -0.41
N ASP A 243 4.43 -18.82 -1.47
CA ASP A 243 5.81 -18.76 -1.93
C ASP A 243 6.71 -17.85 -1.07
N LEU A 244 6.12 -17.12 -0.14
CA LEU A 244 6.87 -16.16 0.69
C LEU A 244 8.15 -16.75 1.29
N THR A 245 8.02 -17.89 1.95
CA THR A 245 9.15 -18.48 2.69
C THR A 245 10.24 -19.03 1.78
N ASN A 246 9.88 -19.32 0.54
CA ASN A 246 10.85 -19.83 -0.45
C ASN A 246 11.80 -18.78 -0.98
N TYR A 247 11.37 -17.52 -0.92
CA TYR A 247 12.10 -16.42 -1.53
C TYR A 247 12.60 -15.39 -0.53
N PHE A 248 12.05 -15.41 0.68
CA PHE A 248 12.42 -14.44 1.71
C PHE A 248 12.77 -15.19 2.99
N LYS A 249 13.92 -14.87 3.56
CA LYS A 249 14.40 -15.57 4.76
C LYS A 249 13.81 -14.91 6.01
N LEU A 250 12.64 -15.40 6.44
CA LEU A 250 11.85 -14.73 7.48
C LEU A 250 12.39 -14.94 8.89
N ASN A 251 12.27 -13.91 9.72
CA ASN A 251 12.50 -14.08 11.16
C ASN A 251 11.26 -14.69 11.82
N ASP A 252 11.29 -14.91 13.13
CA ASP A 252 10.19 -15.59 13.81
C ASP A 252 8.87 -14.81 13.79
N THR A 253 8.97 -13.49 13.91
CA THR A 253 7.78 -12.63 13.92
C THR A 253 7.06 -12.65 12.57
N ALA A 254 7.82 -12.54 11.48
CA ALA A 254 7.28 -12.63 10.13
C ALA A 254 6.69 -14.02 9.83
N GLN A 255 7.36 -15.07 10.30
CA GLN A 255 6.86 -16.43 10.17
C GLN A 255 5.49 -16.60 10.84
N ARG A 256 5.31 -15.95 11.99
CA ARG A 256 4.04 -15.95 12.72
C ARG A 256 2.92 -15.37 11.85
N VAL A 257 3.21 -14.26 11.18
CA VAL A 257 2.24 -13.63 10.27
C VAL A 257 1.97 -14.56 9.08
N HIS A 258 3.04 -15.07 8.48
CA HIS A 258 2.95 -15.99 7.34
C HIS A 258 2.08 -17.18 7.71
N SER A 259 2.40 -17.79 8.85
CA SER A 259 1.66 -18.96 9.32
C SER A 259 0.18 -18.67 9.46
N PHE A 260 -0.15 -17.53 10.06
CA PHE A 260 -1.54 -17.13 10.26
C PHE A 260 -2.31 -17.07 8.95
N TYR A 261 -1.70 -16.50 7.92
CA TYR A 261 -2.39 -16.23 6.67
C TYR A 261 -2.42 -17.39 5.67
N GLN A 262 -1.67 -18.45 5.95
CA GLN A 262 -1.58 -19.56 5.00
C GLN A 262 -2.95 -20.13 4.63
N HIS A 263 -3.84 -20.22 5.62
CA HIS A 263 -5.12 -20.90 5.42
C HIS A 263 -6.35 -20.04 5.71
N GLN A 264 -6.15 -18.72 5.72
CA GLN A 264 -7.26 -17.77 5.79
C GLN A 264 -7.97 -17.67 4.45
N ASP A 265 -9.25 -17.27 4.46
CA ASP A 265 -10.00 -17.11 3.23
C ASP A 265 -9.71 -15.74 2.64
N ILE A 266 -8.59 -15.66 1.94
CA ILE A 266 -8.09 -14.41 1.34
C ILE A 266 -7.66 -14.67 -0.10
N LEU A 267 -7.27 -13.61 -0.81
CA LEU A 267 -6.80 -13.75 -2.19
C LEU A 267 -5.45 -14.47 -2.24
N PRO A 268 -5.16 -15.16 -3.37
CA PRO A 268 -3.94 -15.96 -3.50
C PRO A 268 -2.66 -15.16 -3.45
N TYR A 269 -2.68 -13.94 -3.99
CA TYR A 269 -1.47 -13.13 -4.13
C TYR A 269 -1.19 -12.29 -2.89
N MET A 270 0.05 -11.80 -2.78
CA MET A 270 0.42 -10.89 -1.69
C MET A 270 1.45 -9.89 -2.17
N TRP A 271 1.72 -8.85 -1.37
CA TRP A 271 2.85 -7.98 -1.62
C TRP A 271 3.85 -8.17 -0.49
N VAL A 272 5.13 -8.01 -0.82
CA VAL A 272 6.22 -8.12 0.15
C VAL A 272 7.13 -6.92 -0.05
N GLY A 273 7.39 -6.18 1.03
CA GLY A 273 8.25 -5.00 0.99
C GLY A 273 9.44 -5.15 1.92
N THR A 274 10.63 -4.98 1.38
CA THR A 274 11.84 -5.11 2.20
C THR A 274 12.99 -4.30 1.61
N ALA A 275 13.77 -3.69 2.50
CA ALA A 275 14.92 -2.89 2.08
C ALA A 275 15.90 -3.80 1.36
N GLN A 276 16.54 -3.24 0.34
CA GLN A 276 17.54 -3.94 -0.46
C GLN A 276 18.57 -4.69 0.39
N LYS A 277 19.12 -4.03 1.41
CA LYS A 277 20.13 -4.64 2.29
C LYS A 277 19.63 -5.90 3.02
N GLU A 278 18.34 -5.97 3.27
CA GLU A 278 17.76 -7.12 3.97
C GLU A 278 17.91 -8.42 3.17
N LEU A 279 17.77 -8.33 1.86
CA LEU A 279 17.88 -9.51 0.98
C LEU A 279 19.31 -10.02 0.89
N GLU A 280 20.26 -9.17 1.24
CA GLU A 280 21.69 -9.51 1.26
C GLU A 280 22.08 -10.25 2.54
N LYS A 281 21.21 -10.19 3.55
CA LYS A 281 21.45 -10.84 4.84
C LYS A 281 21.14 -12.35 4.80
N THR A 282 21.56 -13.07 5.84
CA THR A 282 21.20 -14.48 6.00
C THR A 282 19.80 -14.60 6.61
N ARG A 283 19.28 -13.50 7.12
CA ARG A 283 17.97 -13.46 7.78
C ARG A 283 17.41 -12.05 7.69
N ILE A 284 16.17 -11.93 7.21
CA ILE A 284 15.51 -10.64 7.14
C ILE A 284 15.00 -10.27 8.53
N GLU A 285 15.35 -9.08 8.99
CA GLU A 285 14.83 -8.58 10.27
C GLU A 285 13.74 -7.52 10.11
N ASN A 286 13.75 -6.85 8.96
CA ASN A 286 12.79 -5.79 8.68
C ASN A 286 12.03 -6.06 7.40
N ILE A 287 10.71 -6.25 7.53
CA ILE A 287 9.88 -6.65 6.38
C ILE A 287 8.44 -6.17 6.54
N ARG A 288 7.79 -5.90 5.41
CA ARG A 288 6.38 -5.56 5.37
C ARG A 288 5.66 -6.62 4.55
N LEU A 289 4.58 -7.15 5.11
CA LEU A 289 3.79 -8.20 4.48
C LEU A 289 2.35 -7.73 4.29
N TYR A 290 1.85 -7.87 3.07
CA TYR A 290 0.54 -7.32 2.69
C TYR A 290 -0.38 -8.40 2.15
N TYR A 291 -1.57 -8.51 2.73
CA TYR A 291 -2.56 -9.52 2.35
C TYR A 291 -3.87 -8.87 1.94
N TYR A 292 -4.61 -9.56 1.06
CA TYR A 292 -5.76 -8.95 0.37
C TYR A 292 -7.01 -9.82 0.31
N LYS A 293 -8.17 -9.16 0.27
CA LYS A 293 -9.44 -9.82 0.07
C LYS A 293 -10.33 -8.88 -0.74
N SER A 294 -11.10 -9.45 -1.67
CA SER A 294 -12.01 -8.66 -2.50
C SER A 294 -13.43 -8.78 -2.00
N PHE A 295 -14.22 -7.74 -2.23
CA PHE A 295 -15.60 -7.68 -1.80
C PHE A 295 -16.43 -7.16 -2.97
N LYS A 296 -17.09 -8.09 -3.66
CA LYS A 296 -17.84 -7.78 -4.87
C LYS A 296 -19.26 -8.36 -4.82
N MET A 297 -20.19 -7.63 -5.43
CA MET A 297 -21.61 -8.03 -5.45
C MET A 297 -21.86 -9.26 -6.32
C1 PEG B . 0.71 -1.81 -3.98
O1 PEG B . -0.67 -1.90 -4.35
C2 PEG B . 0.88 -2.22 -2.52
O2 PEG B . 2.20 -1.93 -2.13
C3 PEG B . 2.26 -1.18 -0.92
C4 PEG B . 3.47 -0.26 -0.95
O4 PEG B . 3.10 1.07 -0.57
#